data_2A1U
#
_entry.id   2A1U
#
_cell.length_a   47.086
_cell.length_b   62.869
_cell.length_c   174.300
_cell.angle_alpha   90.00
_cell.angle_beta   90.00
_cell.angle_gamma   90.00
#
_symmetry.space_group_name_H-M   'P 21 21 21'
#
loop_
_entity.id
_entity.type
_entity.pdbx_description
1 polymer 'Electron transfer flavoprotein alpha-subunit, mitochondrial precursor'
2 polymer 'Electron transfer flavoprotein beta-subunit'
3 non-polymer 'FLAVIN-ADENINE DINUCLEOTIDE'
4 non-polymer 'ADENOSINE MONOPHOSPHATE'
5 water water
#
loop_
_entity_poly.entity_id
_entity_poly.type
_entity_poly.pdbx_seq_one_letter_code
_entity_poly.pdbx_strand_id
1 'polypeptide(L)'
;MFRAAAPGQLRRAASLLRFQSTLVIAEHANDSLAPITLNTITAATRLGGEVSCLVAGTKCDKVAQDLCKVAGIAKVLVAQ
HDVYKGLLPEELTPLILATQKQFNYTHICAGASAFGKNLLPRVAAKLEVAPISDIIAIKSPDTFVRTIYAGNALCTVKCD
EKVKVFSVRGTSFDAAATSGGSASSEKASSTSPVEISEWLDQKLTKSDRPELTGAKVVVSGGRGLKSGENFKLLYDLADQ
LHAAVGASRAAVDAGFVPNDMQVGQTGKIVAPELYIAVGISGAIQHLAGMKDSKTIVAINKDPEAPIFQVADYGIVADLF
KVVPEMTEILKKK
;
A
2 'polypeptide(L)'
;MAELRVLVAVKRVIDYAVKIRVKPDRTGVVTDGVKHSMNPFCEIAVEEAVRLKEKKLVKEVIAVSCGPAQCQETIRTALA
MGADRGIHVEVPPAEAERLGPLQVARVLAKLAEKEKVDLVLLGKQAIDDDCNQTGQMTAGFLDWPQGTFASQVTLEGDKL
KVERAIDGGLETLRLKLPAVVTADLRLNEPRYATLPNIMKAKKKKIEVIKPGDLGVDLTSKLSVISVEDPPQRTAGVKVE
TTEDLVAKLKEIGRI
;
B
#
loop_
_chem_comp.id
_chem_comp.type
_chem_comp.name
_chem_comp.formula
AMP non-polymer 'ADENOSINE MONOPHOSPHATE' 'C10 H14 N5 O7 P'
FAD non-polymer 'FLAVIN-ADENINE DINUCLEOTIDE' 'C27 H33 N9 O15 P2'
#
# COMPACT_ATOMS: atom_id res chain seq x y z
N PHE A 19 1.08 -19.30 -24.54
CA PHE A 19 0.94 -17.86 -24.98
C PHE A 19 0.34 -17.01 -23.84
N GLN A 20 1.17 -16.16 -23.25
CA GLN A 20 0.65 -15.21 -22.27
C GLN A 20 0.16 -13.95 -22.98
N SER A 21 -0.88 -13.33 -22.43
CA SER A 21 -1.40 -12.09 -22.93
C SER A 21 -1.69 -11.23 -21.75
N THR A 22 -1.03 -10.08 -21.67
CA THR A 22 -1.07 -9.23 -20.47
C THR A 22 -1.74 -7.90 -20.77
N LEU A 23 -2.63 -7.46 -19.89
CA LEU A 23 -3.17 -6.11 -19.97
C LEU A 23 -2.58 -5.25 -18.85
N VAL A 24 -1.96 -4.16 -19.23
CA VAL A 24 -1.45 -3.22 -18.26
C VAL A 24 -2.46 -2.05 -18.17
N ILE A 25 -2.92 -1.76 -16.95
CA ILE A 25 -3.79 -0.59 -16.77
C ILE A 25 -2.92 0.64 -16.63
N ALA A 26 -3.00 1.58 -17.57
CA ALA A 26 -2.20 2.80 -17.53
C ALA A 26 -2.62 3.73 -16.39
N GLU A 27 -1.64 4.22 -15.63
CA GLU A 27 -1.89 5.26 -14.64
C GLU A 27 -1.55 6.60 -15.25
N HIS A 28 -2.47 7.56 -15.14
CA HIS A 28 -2.22 8.92 -15.62
C HIS A 28 -3.09 9.90 -14.88
N ALA A 29 -2.59 11.12 -14.74
CA ALA A 29 -3.38 12.21 -14.17
C ALA A 29 -2.95 13.56 -14.74
N ASN A 30 -3.97 14.31 -15.21
CA ASN A 30 -3.78 15.62 -15.81
C ASN A 30 -3.21 15.48 -17.22
N ASP A 31 -3.65 14.46 -17.95
CA ASP A 31 -3.20 14.22 -19.31
C ASP A 31 -1.72 13.85 -19.36
N SER A 32 -1.16 13.38 -18.24
CA SER A 32 0.21 12.90 -18.24
C SER A 32 0.30 11.46 -17.74
N LEU A 33 1.03 10.62 -18.48
CA LEU A 33 1.32 9.24 -18.07
C LEU A 33 2.19 9.19 -16.79
N ALA A 34 1.73 8.47 -15.78
CA ALA A 34 2.53 8.25 -14.58
C ALA A 34 3.75 7.36 -14.91
N PRO A 35 4.97 7.81 -14.55
CA PRO A 35 6.19 7.02 -14.85
C PRO A 35 6.15 5.58 -14.41
N ILE A 36 5.43 5.27 -13.34
CA ILE A 36 5.31 3.89 -12.83
C ILE A 36 4.69 2.91 -13.84
N THR A 37 3.85 3.41 -14.74
CA THR A 37 3.30 2.52 -15.77
C THR A 37 4.44 2.02 -16.65
N LEU A 38 5.49 2.83 -16.81
CA LEU A 38 6.60 2.42 -17.67
C LEU A 38 7.39 1.26 -17.06
N ASN A 39 7.60 1.28 -15.74
CA ASN A 39 8.22 0.16 -15.03
C ASN A 39 7.34 -1.07 -15.09
N THR A 40 6.02 -0.85 -15.08
CA THR A 40 5.04 -1.93 -15.13
C THR A 40 5.03 -2.61 -16.47
N ILE A 41 5.19 -1.85 -17.55
CA ILE A 41 5.37 -2.46 -18.87
C ILE A 41 6.60 -3.41 -18.89
N THR A 42 7.70 -2.99 -18.26
CA THR A 42 8.91 -3.83 -18.19
C THR A 42 8.61 -5.13 -17.47
N ALA A 43 7.94 -5.05 -16.32
CA ALA A 43 7.62 -6.28 -15.61
C ALA A 43 6.87 -7.16 -16.56
N ALA A 44 5.91 -6.59 -17.27
CA ALA A 44 5.04 -7.38 -18.14
C ALA A 44 5.82 -8.14 -19.24
N THR A 45 6.93 -7.58 -19.70
CA THR A 45 7.75 -8.24 -20.73
C THR A 45 8.40 -9.50 -20.19
N ARG A 46 8.52 -9.61 -18.87
CA ARG A 46 9.09 -10.83 -18.25
C ARG A 46 8.26 -12.07 -18.60
N LEU A 47 7.00 -11.85 -18.94
CA LEU A 47 6.11 -12.97 -19.26
C LEU A 47 6.21 -13.53 -20.70
N GLY A 48 7.07 -12.95 -21.53
CA GLY A 48 7.32 -13.46 -22.87
C GLY A 48 6.18 -13.43 -23.90
N GLY A 49 5.04 -12.84 -23.54
CA GLY A 49 3.90 -12.85 -24.48
C GLY A 49 3.54 -11.49 -25.09
N GLU A 50 2.25 -11.32 -25.34
CA GLU A 50 1.73 -10.08 -25.89
C GLU A 50 1.38 -9.14 -24.77
N VAL A 51 1.69 -7.85 -24.93
CA VAL A 51 1.40 -6.83 -23.92
C VAL A 51 0.47 -5.74 -24.49
N SER A 52 -0.69 -5.60 -23.86
CA SER A 52 -1.63 -4.53 -24.15
C SER A 52 -1.65 -3.51 -23.01
N CYS A 53 -2.09 -2.30 -23.32
CA CYS A 53 -2.19 -1.25 -22.33
C CYS A 53 -3.50 -0.48 -22.47
N LEU A 54 -4.28 -0.43 -21.39
CA LEU A 54 -5.56 0.27 -21.39
C LEU A 54 -5.47 1.63 -20.72
N VAL A 55 -5.89 2.64 -21.48
CA VAL A 55 -5.92 4.02 -21.03
C VAL A 55 -7.39 4.39 -20.87
N ALA A 56 -7.82 4.55 -19.62
CA ALA A 56 -9.17 5.03 -19.34
C ALA A 56 -9.06 6.37 -18.67
N GLY A 57 -9.92 7.30 -19.04
CA GLY A 57 -9.92 8.65 -18.43
C GLY A 57 -10.85 9.59 -19.17
N THR A 58 -10.86 10.85 -18.76
CA THR A 58 -11.66 11.92 -19.43
C THR A 58 -10.90 12.57 -20.60
N LYS A 59 -9.59 12.67 -20.48
CA LYS A 59 -8.76 13.10 -21.59
C LYS A 59 -7.60 12.12 -21.80
N CYS A 60 -7.67 11.37 -22.91
CA CYS A 60 -6.77 10.23 -23.11
C CYS A 60 -5.89 10.32 -24.36
N ASP A 61 -6.01 11.38 -25.15
CA ASP A 61 -5.35 11.42 -26.47
C ASP A 61 -3.82 11.51 -26.39
N LYS A 62 -3.32 12.45 -25.60
CA LYS A 62 -1.88 12.59 -25.42
C LYS A 62 -1.25 11.36 -24.76
N VAL A 63 -1.82 10.92 -23.64
CA VAL A 63 -1.34 9.70 -22.97
C VAL A 63 -1.33 8.51 -23.95
N ALA A 64 -2.44 8.27 -24.63
CA ALA A 64 -2.54 7.18 -25.62
C ALA A 64 -1.46 7.29 -26.69
N GLN A 65 -1.33 8.49 -27.27
CA GLN A 65 -0.36 8.76 -28.33
C GLN A 65 1.04 8.40 -27.84
N ASP A 66 1.38 8.96 -26.67
CA ASP A 66 2.62 8.65 -25.95
C ASP A 66 2.86 7.15 -25.73
N LEU A 67 1.83 6.42 -25.32
CA LEU A 67 1.97 5.00 -25.05
C LEU A 67 2.22 4.20 -26.32
N CYS A 68 1.65 4.67 -27.44
CA CYS A 68 1.92 4.07 -28.74
C CYS A 68 3.36 4.29 -29.24
N LYS A 69 4.17 5.02 -28.48
CA LYS A 69 5.62 5.11 -28.78
C LYS A 69 6.48 4.37 -27.75
N VAL A 70 5.83 3.84 -26.71
CA VAL A 70 6.56 3.13 -25.65
C VAL A 70 6.98 1.72 -26.12
N ALA A 71 8.23 1.38 -25.86
CA ALA A 71 8.77 0.09 -26.28
C ALA A 71 8.17 -1.04 -25.45
N GLY A 72 7.74 -2.11 -26.12
CA GLY A 72 7.23 -3.31 -25.47
C GLY A 72 5.73 -3.54 -25.56
N ILE A 73 4.99 -2.55 -26.08
CA ILE A 73 3.53 -2.62 -26.13
C ILE A 73 3.10 -2.99 -27.56
N ALA A 74 2.26 -4.02 -27.70
CA ALA A 74 1.71 -4.36 -28.99
C ALA A 74 0.46 -3.53 -29.29
N LYS A 75 -0.43 -3.41 -28.30
CA LYS A 75 -1.73 -2.77 -28.49
C LYS A 75 -2.09 -1.81 -27.37
N VAL A 76 -2.48 -0.60 -27.75
CA VAL A 76 -3.09 0.37 -26.83
C VAL A 76 -4.61 0.34 -27.04
N LEU A 77 -5.37 0.33 -25.94
CA LEU A 77 -6.81 0.48 -25.97
C LEU A 77 -7.17 1.75 -25.23
N VAL A 78 -8.06 2.54 -25.82
CA VAL A 78 -8.35 3.88 -25.33
C VAL A 78 -9.81 4.01 -24.96
N ALA A 79 -10.08 4.40 -23.71
CA ALA A 79 -11.44 4.64 -23.23
C ALA A 79 -11.56 6.07 -22.69
N GLN A 80 -12.00 6.97 -23.56
CA GLN A 80 -12.26 8.35 -23.18
C GLN A 80 -13.73 8.55 -22.88
N HIS A 81 -14.06 8.80 -21.62
CA HIS A 81 -15.45 9.11 -21.21
C HIS A 81 -15.43 9.93 -19.93
N ASP A 82 -16.41 10.82 -19.79
CA ASP A 82 -16.50 11.65 -18.59
C ASP A 82 -16.78 10.85 -17.31
N VAL A 83 -17.30 9.62 -17.47
CA VAL A 83 -17.55 8.72 -16.34
C VAL A 83 -16.26 8.32 -15.62
N TYR A 84 -15.11 8.46 -16.31
CA TYR A 84 -13.82 8.11 -15.72
C TYR A 84 -13.08 9.27 -15.01
N LYS A 85 -13.83 10.33 -14.69
CA LYS A 85 -13.24 11.47 -14.00
C LYS A 85 -12.85 11.05 -12.59
N GLY A 86 -11.55 11.15 -12.29
CA GLY A 86 -11.03 10.76 -10.97
C GLY A 86 -10.80 9.27 -10.82
N LEU A 87 -10.88 8.54 -11.93
CA LEU A 87 -10.48 7.13 -12.00
C LEU A 87 -11.09 6.29 -10.89
N LEU A 88 -12.39 6.43 -10.70
CA LEU A 88 -13.09 5.65 -9.68
C LEU A 88 -13.08 4.17 -10.08
N PRO A 89 -12.70 3.29 -9.13
CA PRO A 89 -12.63 1.87 -9.43
C PRO A 89 -14.01 1.24 -9.63
N GLU A 90 -15.05 1.82 -9.04
CA GLU A 90 -16.43 1.38 -9.31
C GLU A 90 -16.80 1.53 -10.78
N GLU A 91 -16.18 2.49 -11.46
CA GLU A 91 -16.42 2.78 -12.89
C GLU A 91 -15.40 2.06 -13.80
N LEU A 92 -14.14 2.03 -13.37
CA LEU A 92 -13.05 1.40 -14.15
C LEU A 92 -13.17 -0.12 -14.20
N THR A 93 -13.60 -0.72 -13.09
CA THR A 93 -13.70 -2.17 -12.98
C THR A 93 -14.62 -2.80 -14.05
N PRO A 94 -15.85 -2.28 -14.24
CA PRO A 94 -16.65 -2.81 -15.36
C PRO A 94 -15.94 -2.71 -16.71
N LEU A 95 -15.29 -1.58 -16.99
CA LEU A 95 -14.48 -1.37 -18.18
C LEU A 95 -13.43 -2.49 -18.34
N ILE A 96 -12.67 -2.75 -17.28
CA ILE A 96 -11.66 -3.81 -17.29
C ILE A 96 -12.31 -5.20 -17.48
N LEU A 97 -13.43 -5.46 -16.82
CA LEU A 97 -14.09 -6.76 -16.98
C LEU A 97 -14.61 -6.96 -18.41
N ALA A 98 -15.08 -5.88 -19.02
CA ALA A 98 -15.55 -5.89 -20.40
C ALA A 98 -14.38 -6.20 -21.33
N THR A 99 -13.24 -5.54 -21.09
CA THR A 99 -12.05 -5.75 -21.90
C THR A 99 -11.55 -7.18 -21.78
N GLN A 100 -11.58 -7.73 -20.56
CA GLN A 100 -11.07 -9.09 -20.29
C GLN A 100 -11.94 -10.13 -20.97
N LYS A 101 -13.24 -9.89 -20.94
CA LYS A 101 -14.25 -10.74 -21.58
C LYS A 101 -14.01 -10.85 -23.08
N GLN A 102 -13.68 -9.72 -23.71
CA GLN A 102 -13.41 -9.67 -25.13
C GLN A 102 -12.07 -10.31 -25.52
N PHE A 103 -11.02 -10.08 -24.74
CA PHE A 103 -9.66 -10.38 -25.20
C PHE A 103 -8.95 -11.44 -24.36
C PHE A 103 -8.95 -11.50 -24.44
N ASN A 104 -9.59 -11.89 -23.28
N ASN A 104 -9.51 -11.89 -23.30
CA ASN A 104 -9.15 -13.04 -22.48
CA ASN A 104 -9.05 -13.09 -22.64
C ASN A 104 -7.67 -13.10 -22.12
C ASN A 104 -7.55 -13.03 -22.28
N TYR A 105 -7.20 -12.08 -21.41
N TYR A 105 -7.20 -12.13 -21.38
CA TYR A 105 -5.82 -12.02 -20.91
CA TYR A 105 -5.81 -12.03 -20.90
C TYR A 105 -5.53 -13.09 -19.86
N THR A 106 -4.29 -13.54 -19.81
CA THR A 106 -3.81 -14.46 -18.77
C THR A 106 -3.40 -13.63 -17.53
N HIS A 107 -3.03 -12.36 -17.76
CA HIS A 107 -2.45 -11.51 -16.72
C HIS A 107 -3.04 -10.14 -16.86
N ILE A 108 -3.41 -9.53 -15.74
CA ILE A 108 -3.77 -8.11 -15.70
C ILE A 108 -2.97 -7.48 -14.59
N CYS A 109 -2.34 -6.35 -14.88
CA CYS A 109 -1.44 -5.71 -13.93
C CYS A 109 -1.41 -4.18 -14.00
N ALA A 110 -0.77 -3.57 -12.99
CA ALA A 110 -0.57 -2.14 -12.87
C ALA A 110 0.55 -1.92 -11.84
N GLY A 111 1.22 -0.77 -11.88
CA GLY A 111 2.16 -0.44 -10.81
C GLY A 111 1.46 -0.33 -9.46
N ALA A 112 2.12 -0.84 -8.41
CA ALA A 112 1.56 -0.87 -7.06
C ALA A 112 1.65 0.51 -6.37
N SER A 113 1.27 1.54 -7.10
CA SER A 113 1.00 2.84 -6.57
C SER A 113 -0.34 2.80 -5.79
N ALA A 114 -0.76 3.95 -5.28
CA ALA A 114 -2.08 4.07 -4.65
C ALA A 114 -3.18 3.78 -5.67
N PHE A 115 -3.00 4.27 -6.90
CA PHE A 115 -3.98 4.00 -7.96
C PHE A 115 -4.14 2.48 -8.20
N GLY A 116 -3.03 1.77 -8.33
CA GLY A 116 -3.01 0.34 -8.60
C GLY A 116 -3.46 -0.48 -7.41
N LYS A 117 -3.02 -0.09 -6.21
CA LYS A 117 -3.43 -0.79 -4.99
C LYS A 117 -4.91 -0.66 -4.77
N ASN A 118 -5.45 0.51 -5.10
CA ASN A 118 -6.90 0.77 -5.02
C ASN A 118 -7.70 -0.12 -5.98
N LEU A 119 -7.24 -0.23 -7.23
CA LEU A 119 -8.07 -0.77 -8.30
C LEU A 119 -8.01 -2.30 -8.44
N LEU A 120 -6.79 -2.85 -8.45
CA LEU A 120 -6.64 -4.24 -8.87
C LEU A 120 -7.35 -5.28 -8.02
N PRO A 121 -7.34 -5.12 -6.69
CA PRO A 121 -8.04 -6.12 -5.85
C PRO A 121 -9.54 -6.11 -6.02
N ARG A 122 -10.14 -4.97 -6.37
CA ARG A 122 -11.55 -4.95 -6.70
C ARG A 122 -11.83 -5.74 -7.99
N VAL A 123 -10.98 -5.54 -8.99
CA VAL A 123 -11.05 -6.26 -10.26
C VAL A 123 -10.91 -7.76 -10.04
N ALA A 124 -9.97 -8.16 -9.18
CA ALA A 124 -9.78 -9.55 -8.81
C ALA A 124 -11.03 -10.14 -8.13
N ALA A 125 -11.67 -9.36 -7.27
CA ALA A 125 -12.89 -9.79 -6.63
C ALA A 125 -13.96 -10.11 -7.69
N LYS A 126 -14.16 -9.19 -8.62
CA LYS A 126 -15.14 -9.38 -9.70
C LYS A 126 -14.80 -10.53 -10.66
N LEU A 127 -13.51 -10.84 -10.81
CA LEU A 127 -13.08 -12.01 -11.59
C LEU A 127 -13.05 -13.28 -10.72
N GLU A 128 -13.29 -13.10 -9.41
CA GLU A 128 -13.29 -14.19 -8.43
C GLU A 128 -11.95 -14.93 -8.34
N VAL A 129 -10.87 -14.15 -8.33
CA VAL A 129 -9.51 -14.66 -8.25
C VAL A 129 -8.75 -13.95 -7.13
N ALA A 130 -7.81 -14.66 -6.51
CA ALA A 130 -6.91 -14.10 -5.54
C ALA A 130 -5.81 -13.34 -6.27
N PRO A 131 -5.65 -12.05 -5.94
CA PRO A 131 -4.66 -11.20 -6.58
C PRO A 131 -3.30 -11.20 -5.80
N ILE A 132 -2.26 -10.65 -6.43
CA ILE A 132 -0.93 -10.59 -5.82
C ILE A 132 -0.49 -9.11 -5.74
N SER A 133 0.04 -8.67 -4.59
CA SER A 133 0.42 -7.28 -4.40
C SER A 133 1.91 -7.02 -4.47
N ASP A 134 2.27 -5.92 -5.14
CA ASP A 134 3.59 -5.29 -4.99
C ASP A 134 4.75 -6.27 -5.34
N ILE A 135 4.58 -7.02 -6.42
CA ILE A 135 5.62 -8.02 -6.79
C ILE A 135 6.96 -7.38 -7.17
N ILE A 136 8.04 -8.09 -6.85
CA ILE A 136 9.40 -7.59 -7.05
C ILE A 136 10.11 -8.47 -8.08
N ALA A 137 9.53 -9.64 -8.38
CA ALA A 137 10.04 -10.52 -9.46
C ALA A 137 8.97 -11.46 -10.05
N ILE A 138 9.08 -11.68 -11.35
CA ILE A 138 8.34 -12.72 -12.05
C ILE A 138 9.35 -13.81 -12.44
N LYS A 139 9.18 -14.99 -11.84
CA LYS A 139 10.00 -16.14 -12.14
C LYS A 139 9.44 -16.94 -13.30
N SER A 140 8.11 -16.92 -13.46
CA SER A 140 7.47 -17.63 -14.56
C SER A 140 6.05 -17.11 -14.61
N PRO A 141 5.30 -17.45 -15.69
CA PRO A 141 3.91 -16.94 -15.79
C PRO A 141 3.00 -17.13 -14.56
N ASP A 142 3.23 -18.16 -13.73
CA ASP A 142 2.41 -18.38 -12.52
C ASP A 142 3.14 -18.20 -11.18
N THR A 143 4.43 -17.81 -11.22
CA THR A 143 5.25 -17.70 -10.01
C THR A 143 5.84 -16.31 -9.78
N PHE A 144 5.59 -15.76 -8.60
CA PHE A 144 5.92 -14.36 -8.30
C PHE A 144 6.63 -14.28 -6.96
N VAL A 145 7.52 -13.30 -6.83
CA VAL A 145 8.16 -12.98 -5.56
C VAL A 145 7.63 -11.61 -5.07
N ARG A 146 7.28 -11.53 -3.79
CA ARG A 146 6.86 -10.29 -3.13
C ARG A 146 7.43 -10.28 -1.70
N THR A 147 7.45 -9.10 -1.06
CA THR A 147 7.91 -9.02 0.33
C THR A 147 6.75 -9.11 1.31
N ILE A 148 7.05 -9.60 2.51
CA ILE A 148 6.07 -9.61 3.60
C ILE A 148 6.78 -9.13 4.88
N TYR A 149 6.02 -8.93 5.96
CA TYR A 149 6.55 -8.41 7.22
C TYR A 149 7.46 -7.18 7.04
N ALA A 150 6.95 -6.18 6.32
CA ALA A 150 7.69 -4.94 6.09
C ALA A 150 9.06 -5.13 5.43
N GLY A 151 9.12 -6.05 4.47
CA GLY A 151 10.31 -6.24 3.65
C GLY A 151 11.31 -7.17 4.29
N ASN A 152 10.93 -7.76 5.43
CA ASN A 152 11.81 -8.67 6.18
C ASN A 152 11.71 -10.18 5.84
N ALA A 153 10.88 -10.51 4.87
CA ALA A 153 10.89 -11.85 4.29
C ALA A 153 10.44 -11.76 2.85
N LEU A 154 10.97 -12.67 2.02
CA LEU A 154 10.64 -12.78 0.62
C LEU A 154 9.70 -13.96 0.49
N CYS A 155 8.54 -13.72 -0.10
CA CYS A 155 7.54 -14.76 -0.22
C CYS A 155 7.39 -15.09 -1.70
N THR A 156 7.62 -16.36 -2.04
CA THR A 156 7.44 -16.82 -3.41
C THR A 156 6.09 -17.53 -3.49
N VAL A 157 5.23 -17.02 -4.36
CA VAL A 157 3.86 -17.49 -4.51
C VAL A 157 3.66 -18.09 -5.92
N LYS A 158 2.88 -19.16 -5.98
CA LYS A 158 2.41 -19.80 -7.22
C LYS A 158 0.92 -19.52 -7.35
N CYS A 159 0.52 -19.05 -8.52
CA CYS A 159 -0.85 -18.64 -8.74
C CYS A 159 -1.48 -19.46 -9.84
N ASP A 160 -2.44 -20.31 -9.46
CA ASP A 160 -3.14 -21.19 -10.41
C ASP A 160 -4.43 -20.60 -10.98
N GLU A 161 -4.69 -19.33 -10.68
CA GLU A 161 -5.90 -18.65 -11.15
C GLU A 161 -5.96 -18.58 -12.67
N LYS A 162 -7.18 -18.59 -13.22
CA LYS A 162 -7.36 -18.48 -14.67
C LYS A 162 -6.79 -17.15 -15.16
N VAL A 163 -7.07 -16.08 -14.41
CA VAL A 163 -6.43 -14.78 -14.63
C VAL A 163 -5.52 -14.41 -13.44
N LYS A 164 -4.27 -14.09 -13.73
CA LYS A 164 -3.33 -13.62 -12.71
C LYS A 164 -3.42 -12.10 -12.61
N VAL A 165 -3.95 -11.59 -11.51
CA VAL A 165 -4.11 -10.15 -11.27
C VAL A 165 -3.08 -9.70 -10.25
N PHE A 166 -2.19 -8.80 -10.67
CA PHE A 166 -1.07 -8.41 -9.81
C PHE A 166 -0.62 -6.95 -9.97
N SER A 167 -0.14 -6.37 -8.87
CA SER A 167 0.46 -5.06 -8.96
C SER A 167 1.94 -5.27 -8.83
N VAL A 168 2.69 -4.30 -9.33
CA VAL A 168 4.14 -4.40 -9.54
C VAL A 168 4.84 -3.34 -8.69
N ARG A 169 5.86 -3.75 -7.91
CA ARG A 169 6.74 -2.76 -7.27
C ARG A 169 7.50 -1.96 -8.32
N GLY A 170 7.11 -0.70 -8.54
CA GLY A 170 7.75 0.14 -9.55
C GLY A 170 9.29 0.21 -9.48
N THR A 171 9.83 0.22 -8.26
CA THR A 171 11.29 0.40 -8.10
C THR A 171 12.09 -0.89 -8.40
N SER A 172 11.40 -2.00 -8.67
CA SER A 172 12.05 -3.29 -8.91
C SER A 172 12.33 -3.59 -10.38
N PHE A 173 11.87 -2.71 -11.27
CA PHE A 173 11.93 -2.94 -12.72
C PHE A 173 12.29 -1.64 -13.38
N ASP A 174 13.14 -1.67 -14.41
CA ASP A 174 13.55 -0.47 -15.10
C ASP A 174 12.38 0.08 -15.94
N ALA A 175 12.40 1.38 -16.19
CA ALA A 175 11.38 1.99 -17.06
C ALA A 175 11.58 1.61 -18.52
N ALA A 176 10.49 1.20 -19.17
CA ALA A 176 10.50 0.96 -20.61
C ALA A 176 10.78 2.28 -21.32
N ALA A 177 11.63 2.26 -22.35
CA ALA A 177 11.89 3.43 -23.20
C ALA A 177 10.59 4.15 -23.64
N THR A 178 10.62 5.48 -23.70
CA THR A 178 9.46 6.24 -24.22
C THR A 178 9.47 6.47 -25.73
N SER A 179 10.45 5.90 -26.42
CA SER A 179 10.45 5.89 -27.89
C SER A 179 10.86 4.53 -28.43
N GLY A 180 10.43 4.23 -29.66
CA GLY A 180 10.75 2.95 -30.33
C GLY A 180 9.57 2.01 -30.41
N GLY A 181 8.51 2.31 -29.66
CA GLY A 181 7.29 1.53 -29.69
C GLY A 181 6.49 1.85 -30.94
N SER A 182 5.61 0.93 -31.32
CA SER A 182 4.74 1.15 -32.46
C SER A 182 3.43 0.43 -32.22
N ALA A 183 2.91 0.49 -31.00
CA ALA A 183 1.69 -0.23 -30.66
C ALA A 183 0.56 0.25 -31.57
N SER A 184 -0.46 -0.59 -31.76
CA SER A 184 -1.71 -0.18 -32.40
C SER A 184 -2.59 0.53 -31.37
N SER A 185 -3.56 1.32 -31.83
CA SER A 185 -4.55 1.94 -30.94
C SER A 185 -5.95 1.71 -31.44
N GLU A 186 -6.82 1.35 -30.51
CA GLU A 186 -8.19 1.07 -30.79
C GLU A 186 -8.98 1.66 -29.64
N LYS A 187 -10.22 2.02 -29.93
CA LYS A 187 -11.14 2.50 -28.90
C LYS A 187 -11.67 1.29 -28.15
N ALA A 188 -11.90 1.44 -26.85
CA ALA A 188 -12.48 0.35 -26.07
C ALA A 188 -14.01 0.44 -25.91
N SER A 189 -14.57 -0.60 -25.31
CA SER A 189 -15.98 -0.67 -24.92
C SER A 189 -16.33 0.42 -23.89
N SER A 190 -17.22 1.36 -24.26
CA SER A 190 -17.72 2.36 -23.28
C SER A 190 -18.68 1.62 -22.35
N THR A 191 -18.74 2.02 -21.08
CA THR A 191 -19.58 1.34 -20.08
C THR A 191 -20.58 2.29 -19.46
N SER A 192 -21.68 1.76 -18.95
CA SER A 192 -22.73 2.62 -18.37
C SER A 192 -22.37 3.05 -16.93
N PRO A 193 -22.50 4.34 -16.63
CA PRO A 193 -22.30 4.87 -15.29
C PRO A 193 -22.87 4.01 -14.16
N VAL A 194 -22.01 3.69 -13.20
CA VAL A 194 -22.42 2.92 -12.03
C VAL A 194 -22.98 3.92 -11.01
N GLU A 195 -22.30 5.06 -10.89
CA GLU A 195 -22.73 6.16 -10.01
C GLU A 195 -23.00 5.77 -8.57
N ILE A 196 -22.10 4.99 -7.96
CA ILE A 196 -22.22 4.70 -6.51
C ILE A 196 -21.14 5.46 -5.74
N SER A 197 -20.26 6.14 -6.48
CA SER A 197 -19.20 6.96 -5.93
C SER A 197 -19.04 8.19 -6.80
N GLU A 198 -18.53 9.27 -6.22
CA GLU A 198 -18.24 10.46 -6.97
C GLU A 198 -17.01 11.13 -6.41
N TRP A 199 -16.21 11.63 -7.36
CA TRP A 199 -14.98 12.34 -7.10
C TRP A 199 -15.32 13.81 -6.87
N LEU A 200 -14.82 14.39 -5.78
CA LEU A 200 -15.20 15.75 -5.41
C LEU A 200 -14.10 16.77 -5.66
N ASP A 201 -12.92 16.55 -5.08
CA ASP A 201 -11.76 17.38 -5.37
C ASP A 201 -10.48 16.68 -4.93
N GLN A 202 -9.37 17.41 -5.04
CA GLN A 202 -8.07 16.91 -4.58
C GLN A 202 -7.26 18.06 -4.00
N LYS A 203 -6.24 17.72 -3.22
CA LYS A 203 -5.32 18.70 -2.71
C LYS A 203 -3.95 18.07 -2.89
N LEU A 204 -3.23 18.54 -3.90
CA LEU A 204 -1.94 17.95 -4.21
C LEU A 204 -0.81 18.81 -3.66
N THR A 205 0.20 18.15 -3.08
CA THR A 205 1.42 18.83 -2.68
C THR A 205 2.23 19.02 -3.96
N LYS A 206 2.47 20.27 -4.29
CA LYS A 206 3.18 20.61 -5.52
C LYS A 206 4.46 21.33 -5.13
N SER A 207 5.54 21.06 -5.85
CA SER A 207 6.81 21.68 -5.59
C SER A 207 7.66 21.65 -6.86
N ASP A 208 8.85 22.23 -6.77
CA ASP A 208 9.84 22.13 -7.85
C ASP A 208 10.55 20.77 -7.87
N ARG A 209 10.32 19.95 -6.85
CA ARG A 209 11.11 18.75 -6.66
C ARG A 209 10.66 17.59 -7.56
N PRO A 210 11.59 16.66 -7.88
CA PRO A 210 11.18 15.51 -8.65
C PRO A 210 10.28 14.62 -7.81
N GLU A 211 9.48 13.83 -8.50
CA GLU A 211 8.53 12.97 -7.84
C GLU A 211 9.33 11.94 -7.02
N LEU A 212 8.90 11.77 -5.78
CA LEU A 212 9.61 10.95 -4.81
C LEU A 212 9.94 9.53 -5.27
N THR A 213 8.97 8.84 -5.87
CA THR A 213 9.19 7.41 -6.20
C THR A 213 10.14 7.15 -7.39
N GLY A 214 10.31 8.13 -8.27
CA GLY A 214 11.25 8.00 -9.36
C GLY A 214 12.57 8.74 -9.20
N ALA A 215 12.67 9.60 -8.17
CA ALA A 215 13.83 10.47 -7.95
C ALA A 215 15.12 9.69 -7.80
N LYS A 216 16.18 10.17 -8.44
CA LYS A 216 17.54 9.63 -8.33
C LYS A 216 18.12 9.83 -6.93
N VAL A 217 17.84 11.00 -6.33
CA VAL A 217 18.31 11.32 -4.98
C VAL A 217 17.14 11.73 -4.09
N VAL A 218 17.10 11.16 -2.88
CA VAL A 218 16.13 11.50 -1.84
C VAL A 218 16.86 11.95 -0.57
N VAL A 219 16.42 13.06 -0.01
CA VAL A 219 16.87 13.51 1.32
C VAL A 219 15.65 13.43 2.23
N SER A 220 15.75 12.69 3.35
CA SER A 220 14.62 12.50 4.27
C SER A 220 14.92 13.01 5.68
N GLY A 221 13.90 13.59 6.30
CA GLY A 221 14.04 14.07 7.67
C GLY A 221 13.10 13.36 8.60
N GLY A 222 13.54 13.11 9.83
CA GLY A 222 12.68 12.48 10.82
C GLY A 222 12.48 13.42 11.99
N ARG A 223 12.32 12.91 13.14
CA ARG A 223 11.97 13.67 14.34
C ARG A 223 13.10 14.60 14.79
N GLY A 224 14.33 14.28 14.38
CA GLY A 224 15.53 15.06 14.74
C GLY A 224 15.54 16.49 14.22
N LEU A 225 14.66 16.77 13.26
CA LEU A 225 14.54 18.11 12.68
C LEU A 225 13.76 19.07 13.59
N LYS A 226 13.06 18.50 14.56
CA LYS A 226 12.35 19.25 15.63
C LYS A 226 11.25 20.23 15.20
N SER A 227 11.26 20.66 13.94
CA SER A 227 10.28 21.66 13.48
C SER A 227 10.16 21.67 11.95
N GLY A 228 8.99 22.19 11.51
CA GLY A 228 8.69 22.36 10.09
C GLY A 228 9.57 23.43 9.46
N GLU A 229 9.94 24.41 10.27
CA GLU A 229 10.81 25.50 9.84
C GLU A 229 12.21 24.95 9.60
N ASN A 230 12.67 24.06 10.48
CA ASN A 230 13.97 23.40 10.33
C ASN A 230 14.05 22.50 9.09
N PHE A 231 12.89 22.03 8.63
CA PHE A 231 12.84 21.18 7.45
C PHE A 231 13.35 21.90 6.21
N LYS A 232 13.28 23.22 6.21
CA LYS A 232 13.83 24.05 5.14
C LYS A 232 15.31 23.74 4.92
N LEU A 233 16.02 23.33 5.97
CA LEU A 233 17.41 22.91 5.81
C LEU A 233 17.54 21.75 4.82
N LEU A 234 16.57 20.86 4.84
CA LEU A 234 16.56 19.70 3.95
C LEU A 234 16.17 20.06 2.52
N TYR A 235 15.20 20.96 2.36
CA TYR A 235 14.90 21.52 1.04
C TYR A 235 16.10 22.21 0.40
N ASP A 236 16.85 22.96 1.18
CA ASP A 236 18.06 23.64 0.68
C ASP A 236 19.11 22.63 0.27
N LEU A 237 19.32 21.62 1.10
CA LEU A 237 20.24 20.53 0.70
C LEU A 237 19.74 19.83 -0.58
N ALA A 238 18.50 19.34 -0.55
CA ALA A 238 17.88 18.69 -1.73
C ALA A 238 18.05 19.51 -3.01
N ASP A 239 17.91 20.82 -2.88
CA ASP A 239 18.04 21.78 -3.98
C ASP A 239 19.40 21.67 -4.70
N GLN A 240 20.46 21.49 -3.92
CA GLN A 240 21.81 21.37 -4.44
C GLN A 240 22.04 20.04 -5.15
N LEU A 241 21.23 19.03 -4.81
CA LEU A 241 21.33 17.65 -5.31
C LEU A 241 20.22 17.32 -6.32
N HIS A 242 19.29 18.27 -6.49
CA HIS A 242 18.09 18.07 -7.32
C HIS A 242 17.37 16.81 -6.88
N ALA A 243 17.29 16.67 -5.58
CA ALA A 243 16.69 15.54 -4.91
C ALA A 243 15.26 15.81 -4.48
N ALA A 244 14.50 14.74 -4.29
CA ALA A 244 13.21 14.77 -3.64
C ALA A 244 13.45 14.69 -2.13
N VAL A 245 12.44 15.06 -1.37
CA VAL A 245 12.53 15.07 0.07
C VAL A 245 11.46 14.13 0.61
N GLY A 246 11.92 13.16 1.43
CA GLY A 246 11.03 12.20 2.08
C GLY A 246 10.96 12.50 3.56
N ALA A 247 10.18 11.71 4.29
CA ALA A 247 10.00 11.96 5.70
C ALA A 247 9.69 10.66 6.43
N SER A 248 9.96 10.65 7.72
CA SER A 248 9.53 9.53 8.52
C SER A 248 8.14 9.87 9.01
N ARG A 249 7.50 8.87 9.60
CA ARG A 249 6.20 9.07 10.22
C ARG A 249 6.27 10.10 11.33
N ALA A 250 7.35 10.08 12.12
CA ALA A 250 7.47 11.06 13.21
C ALA A 250 7.43 12.50 12.68
N ALA A 251 7.99 12.72 11.51
CA ALA A 251 8.04 14.06 10.95
C ALA A 251 6.64 14.48 10.48
N VAL A 252 5.90 13.51 9.92
CA VAL A 252 4.55 13.77 9.45
C VAL A 252 3.62 14.08 10.63
N ASP A 253 3.64 13.18 11.63
CA ASP A 253 2.83 13.29 12.86
C ASP A 253 3.08 14.58 13.63
N ALA A 254 4.33 14.98 13.75
CA ALA A 254 4.66 16.23 14.41
C ALA A 254 4.38 17.47 13.53
N GLY A 255 3.79 17.25 12.35
CA GLY A 255 3.38 18.34 11.47
C GLY A 255 4.45 18.99 10.62
N PHE A 256 5.66 18.45 10.62
CA PHE A 256 6.79 19.03 9.86
C PHE A 256 6.59 19.10 8.35
N VAL A 257 5.85 18.13 7.81
CA VAL A 257 5.74 17.87 6.36
C VAL A 257 4.45 17.12 6.05
N PRO A 258 3.90 17.28 4.83
CA PRO A 258 2.67 16.54 4.54
C PRO A 258 2.88 15.03 4.40
N ASN A 259 1.86 14.30 4.77
CA ASN A 259 1.81 12.85 4.73
C ASN A 259 2.33 12.18 3.45
N ASP A 260 2.09 12.79 2.29
CA ASP A 260 2.44 12.19 1.01
C ASP A 260 3.94 12.07 0.77
N MET A 261 4.75 12.68 1.65
CA MET A 261 6.19 12.53 1.55
C MET A 261 6.74 11.48 2.50
N GLN A 262 5.83 10.80 3.20
CA GLN A 262 6.24 9.70 4.08
C GLN A 262 6.82 8.49 3.31
N VAL A 263 8.00 8.04 3.73
CA VAL A 263 8.68 6.87 3.19
C VAL A 263 8.56 5.72 4.20
N GLY A 264 8.14 4.55 3.70
CA GLY A 264 8.13 3.35 4.52
C GLY A 264 7.00 2.39 4.19
N GLN A 265 6.78 1.41 5.08
CA GLN A 265 5.80 0.34 4.86
C GLN A 265 4.42 0.90 4.51
N THR A 266 4.04 1.97 5.21
CA THR A 266 2.74 2.59 5.05
C THR A 266 2.77 3.82 4.14
N GLY A 267 3.96 4.25 3.76
CA GLY A 267 4.12 5.37 2.84
C GLY A 267 4.59 4.96 1.46
N LYS A 268 5.52 5.72 0.88
CA LYS A 268 6.09 5.35 -0.40
C LYS A 268 7.30 4.45 -0.25
N ILE A 269 7.47 3.52 -1.19
CA ILE A 269 8.71 2.76 -1.30
C ILE A 269 9.58 3.49 -2.33
N VAL A 270 10.82 3.75 -1.96
CA VAL A 270 11.74 4.42 -2.86
C VAL A 270 13.04 3.62 -2.88
N ALA A 271 13.68 3.58 -4.04
CA ALA A 271 14.99 2.94 -4.21
C ALA A 271 15.91 3.85 -5.04
N PRO A 272 16.15 5.10 -4.55
CA PRO A 272 17.02 6.01 -5.29
C PRO A 272 18.45 5.51 -5.36
N GLU A 273 19.23 6.09 -6.26
CA GLU A 273 20.67 5.91 -6.30
C GLU A 273 21.31 6.37 -4.97
N LEU A 274 20.79 7.47 -4.40
CA LEU A 274 21.29 7.99 -3.14
C LEU A 274 20.11 8.38 -2.24
N TYR A 275 20.12 7.84 -1.02
CA TYR A 275 19.14 8.13 0.01
C TYR A 275 19.91 8.63 1.22
N ILE A 276 19.57 9.85 1.66
CA ILE A 276 20.23 10.46 2.79
C ILE A 276 19.20 10.62 3.92
N ALA A 277 19.45 9.90 5.01
CA ALA A 277 18.52 9.80 6.14
C ALA A 277 19.02 10.69 7.26
N VAL A 278 18.32 11.79 7.44
CA VAL A 278 18.73 12.84 8.37
C VAL A 278 17.80 12.82 9.60
N GLY A 279 18.38 12.59 10.76
CA GLY A 279 17.64 12.54 12.01
C GLY A 279 16.49 11.56 11.96
N ILE A 280 16.77 10.38 11.39
CA ILE A 280 15.83 9.26 11.32
C ILE A 280 16.51 8.05 11.96
N SER A 281 15.89 7.45 12.98
CA SER A 281 16.51 6.31 13.72
C SER A 281 16.70 5.06 12.88
N GLY A 282 15.82 4.83 11.91
CA GLY A 282 15.84 3.62 11.11
C GLY A 282 14.96 2.53 11.68
N ALA A 283 13.74 2.85 12.06
CA ALA A 283 12.80 1.86 12.53
C ALA A 283 12.42 0.92 11.38
N ILE A 284 12.09 -0.32 11.70
CA ILE A 284 11.70 -1.34 10.71
C ILE A 284 10.78 -0.77 9.63
N GLN A 285 9.80 0.01 10.07
CA GLN A 285 8.75 0.53 9.20
C GLN A 285 9.25 1.60 8.24
N HIS A 286 10.27 2.34 8.65
CA HIS A 286 10.92 3.24 7.72
C HIS A 286 11.83 2.48 6.74
N LEU A 287 12.60 1.49 7.26
CA LEU A 287 13.49 0.69 6.42
C LEU A 287 12.73 -0.06 5.32
N ALA A 288 11.50 -0.46 5.62
CA ALA A 288 10.65 -1.08 4.60
C ALA A 288 10.66 -0.29 3.30
N GLY A 289 10.72 1.04 3.38
CA GLY A 289 10.52 1.89 2.19
C GLY A 289 11.76 2.44 1.49
N MET A 290 12.95 2.13 2.02
CA MET A 290 14.19 2.66 1.42
C MET A 290 15.44 1.74 1.43
N LYS A 291 15.27 0.49 1.88
CA LYS A 291 16.42 -0.36 2.17
C LYS A 291 17.11 -0.96 0.93
N ASP A 292 16.45 -0.77 -0.21
CA ASP A 292 16.99 -1.19 -1.49
C ASP A 292 17.59 -0.01 -2.26
N SER A 293 17.69 1.15 -1.60
CA SER A 293 18.41 2.30 -2.13
C SER A 293 19.82 1.84 -2.37
N LYS A 294 20.40 2.30 -3.49
CA LYS A 294 21.75 1.86 -3.88
C LYS A 294 22.84 2.28 -2.88
N THR A 295 22.80 3.54 -2.47
CA THR A 295 23.76 4.08 -1.49
C THR A 295 22.95 4.72 -0.40
N ILE A 296 23.16 4.28 0.83
CA ILE A 296 22.48 4.85 1.99
C ILE A 296 23.48 5.61 2.84
N VAL A 297 23.11 6.86 3.12
CA VAL A 297 23.88 7.74 3.98
C VAL A 297 23.04 8.07 5.20
N ALA A 298 23.66 8.00 6.37
CA ALA A 298 23.00 8.44 7.58
C ALA A 298 23.72 9.63 8.22
N ILE A 299 22.92 10.62 8.60
CA ILE A 299 23.36 11.73 9.42
C ILE A 299 22.53 11.71 10.71
N ASN A 300 23.19 11.39 11.82
CA ASN A 300 22.51 11.04 13.06
C ASN A 300 23.50 11.15 14.20
N LYS A 301 23.04 11.73 15.31
CA LYS A 301 23.89 11.91 16.50
C LYS A 301 24.00 10.66 17.41
N ASP A 302 23.18 9.65 17.15
CA ASP A 302 23.15 8.44 17.97
C ASP A 302 23.87 7.28 17.27
N PRO A 303 25.08 6.89 17.75
CA PRO A 303 25.81 5.80 17.08
C PRO A 303 25.11 4.43 17.19
N GLU A 304 24.10 4.30 18.06
CA GLU A 304 23.28 3.08 18.18
C GLU A 304 22.01 3.10 17.29
N ALA A 305 21.82 4.14 16.51
CA ALA A 305 20.64 4.22 15.64
C ALA A 305 20.66 3.05 14.68
N PRO A 306 19.56 2.29 14.60
CA PRO A 306 19.52 1.18 13.65
C PRO A 306 19.85 1.56 12.20
N ILE A 307 19.58 2.80 11.78
CA ILE A 307 19.92 3.23 10.42
C ILE A 307 21.39 2.96 10.03
N PHE A 308 22.28 2.96 11.03
CA PHE A 308 23.72 2.85 10.82
C PHE A 308 24.12 1.42 10.48
N GLN A 309 23.19 0.50 10.72
CA GLN A 309 23.41 -0.90 10.39
C GLN A 309 23.05 -1.23 8.93
N VAL A 310 22.50 -0.27 8.19
CA VAL A 310 22.33 -0.40 6.73
C VAL A 310 23.01 0.71 5.91
N ALA A 311 23.58 1.72 6.57
CA ALA A 311 24.15 2.85 5.85
C ALA A 311 25.51 2.47 5.25
N ASP A 312 25.71 2.80 3.98
CA ASP A 312 27.02 2.64 3.37
C ASP A 312 27.99 3.66 3.96
N TYR A 313 27.48 4.86 4.20
CA TYR A 313 28.26 5.98 4.75
C TYR A 313 27.49 6.68 5.87
N GLY A 314 28.16 6.87 6.99
CA GLY A 314 27.52 7.49 8.12
C GLY A 314 28.39 8.49 8.83
N ILE A 315 27.77 9.57 9.30
CA ILE A 315 28.45 10.51 10.16
C ILE A 315 27.64 10.70 11.45
N VAL A 316 28.28 10.41 12.58
CA VAL A 316 27.65 10.55 13.89
C VAL A 316 27.93 11.97 14.35
N ALA A 317 26.96 12.85 14.12
CA ALA A 317 27.14 14.28 14.39
C ALA A 317 25.79 14.93 14.41
N ASP A 318 25.78 16.20 14.80
CA ASP A 318 24.58 17.02 14.86
C ASP A 318 24.16 17.42 13.44
N LEU A 319 22.96 17.02 13.03
CA LEU A 319 22.44 17.38 11.70
C LEU A 319 22.39 18.88 11.46
N PHE A 320 22.25 19.68 12.53
CA PHE A 320 22.20 21.14 12.40
C PHE A 320 23.55 21.76 12.00
N LYS A 321 24.61 21.02 12.22
CA LYS A 321 25.93 21.37 11.71
C LYS A 321 26.16 20.76 10.32
N VAL A 322 25.97 19.45 10.21
CA VAL A 322 26.33 18.69 8.99
C VAL A 322 25.56 19.16 7.75
N VAL A 323 24.23 19.27 7.88
CA VAL A 323 23.39 19.60 6.73
C VAL A 323 23.70 20.97 6.07
N PRO A 324 23.63 22.08 6.82
CA PRO A 324 24.12 23.37 6.31
C PRO A 324 25.54 23.31 5.68
N GLU A 325 26.48 22.62 6.32
CA GLU A 325 27.83 22.42 5.75
C GLU A 325 27.81 21.74 4.40
N MET A 326 27.06 20.64 4.32
CA MET A 326 26.97 19.85 3.11
C MET A 326 26.44 20.75 1.98
N THR A 327 25.40 21.50 2.31
CA THR A 327 24.78 22.46 1.40
C THR A 327 25.78 23.50 0.86
N GLU A 328 26.61 24.06 1.75
CA GLU A 328 27.62 25.05 1.30
C GLU A 328 28.70 24.43 0.40
N ILE A 329 29.13 23.19 0.74
CA ILE A 329 30.16 22.48 -0.04
C ILE A 329 29.63 22.22 -1.44
N LEU A 330 28.36 21.81 -1.49
CA LEU A 330 27.73 21.43 -2.74
C LEU A 330 27.51 22.62 -3.68
N LYS A 331 27.46 23.83 -3.13
CA LYS A 331 27.36 25.04 -3.95
C LYS A 331 28.57 25.27 -4.85
N LYS A 332 29.65 24.53 -4.59
CA LYS A 332 30.93 24.70 -5.30
C LYS A 332 31.37 23.39 -5.97
N LYS A 333 32.62 23.33 -6.45
CA LYS A 333 33.27 22.08 -6.85
C LYS A 333 34.63 22.34 -7.49
N LEU B 4 -27.26 3.65 12.15
CA LEU B 4 -26.36 2.86 11.25
C LEU B 4 -25.64 1.74 11.97
N ARG B 5 -25.30 0.70 11.24
CA ARG B 5 -24.62 -0.43 11.81
C ARG B 5 -23.29 -0.62 11.08
N VAL B 6 -22.24 -0.83 11.87
CA VAL B 6 -20.87 -0.99 11.37
C VAL B 6 -20.29 -2.36 11.70
N LEU B 7 -19.67 -2.98 10.69
CA LEU B 7 -18.84 -4.16 10.82
C LEU B 7 -17.36 -3.75 10.70
N VAL B 8 -16.56 -4.04 11.74
CA VAL B 8 -15.12 -3.77 11.69
C VAL B 8 -14.38 -5.08 11.72
N ALA B 9 -13.53 -5.26 10.72
CA ALA B 9 -12.67 -6.44 10.62
C ALA B 9 -11.32 -6.18 11.28
N VAL B 10 -10.99 -7.03 12.25
CA VAL B 10 -9.73 -6.90 12.99
C VAL B 10 -8.90 -8.20 12.84
N LYS B 11 -7.60 -8.02 12.58
CA LYS B 11 -6.67 -9.14 12.37
C LYS B 11 -5.63 -9.24 13.47
N ARG B 12 -5.38 -10.47 13.89
CA ARG B 12 -4.29 -10.78 14.80
C ARG B 12 -3.02 -10.99 13.97
N VAL B 13 -1.96 -10.27 14.33
CA VAL B 13 -0.68 -10.37 13.62
C VAL B 13 0.45 -10.32 14.62
N ILE B 14 1.64 -10.76 14.19
CA ILE B 14 2.85 -10.60 14.98
C ILE B 14 3.03 -9.12 15.30
N ASP B 15 3.33 -8.82 16.56
CA ASP B 15 3.50 -7.44 17.00
C ASP B 15 4.55 -6.71 16.15
N TYR B 16 4.30 -5.43 15.87
CA TYR B 16 5.09 -4.62 14.94
C TYR B 16 6.56 -4.45 15.34
N ALA B 17 6.84 -4.40 16.64
CA ALA B 17 8.22 -4.21 17.09
C ALA B 17 9.08 -5.49 17.08
N VAL B 18 8.47 -6.61 16.68
CA VAL B 18 9.13 -7.93 16.69
C VAL B 18 10.10 -8.12 15.51
N LYS B 19 11.25 -8.74 15.77
CA LYS B 19 12.16 -9.20 14.70
C LYS B 19 11.74 -10.60 14.31
N ILE B 20 11.27 -10.76 13.08
CA ILE B 20 10.74 -12.05 12.65
C ILE B 20 11.84 -13.04 12.31
N ARG B 21 11.51 -14.33 12.43
CA ARG B 21 12.42 -15.41 12.09
C ARG B 21 11.75 -16.28 11.06
N VAL B 22 12.44 -16.55 9.97
CA VAL B 22 11.94 -17.48 8.96
C VAL B 22 12.24 -18.91 9.41
N LYS B 23 11.22 -19.78 9.29
CA LYS B 23 11.38 -21.21 9.57
C LYS B 23 12.52 -21.85 8.76
N PRO B 24 13.27 -22.78 9.38
CA PRO B 24 14.28 -23.50 8.58
C PRO B 24 13.75 -24.24 7.33
N ASP B 25 12.55 -24.83 7.42
CA ASP B 25 11.89 -25.47 6.27
C ASP B 25 11.40 -24.49 5.16
N ARG B 26 11.55 -23.19 5.39
CA ARG B 26 11.21 -22.18 4.37
C ARG B 26 9.70 -22.08 4.08
N THR B 27 8.84 -22.56 4.97
CA THR B 27 7.42 -22.55 4.65
C THR B 27 6.71 -21.28 5.10
N GLY B 28 7.39 -20.45 5.87
CA GLY B 28 6.75 -19.31 6.48
C GLY B 28 7.57 -18.80 7.63
N VAL B 29 7.05 -17.80 8.35
CA VAL B 29 7.78 -17.27 9.47
C VAL B 29 7.31 -17.92 10.76
N VAL B 30 8.17 -17.89 11.75
CA VAL B 30 7.83 -18.39 13.07
C VAL B 30 6.76 -17.49 13.71
N THR B 31 5.67 -18.11 14.21
CA THR B 31 4.59 -17.39 14.89
C THR B 31 4.28 -17.94 16.31
N ASP B 32 4.52 -19.24 16.51
CA ASP B 32 4.35 -19.90 17.81
C ASP B 32 5.30 -19.29 18.82
N GLY B 33 4.76 -18.82 19.94
CA GLY B 33 5.58 -18.28 21.02
C GLY B 33 5.93 -16.83 20.83
N VAL B 34 5.57 -16.27 19.67
CA VAL B 34 5.93 -14.89 19.32
C VAL B 34 4.80 -13.97 19.73
N LYS B 35 5.17 -12.76 20.15
CA LYS B 35 4.19 -11.77 20.59
C LYS B 35 3.27 -11.37 19.46
N HIS B 36 1.97 -11.52 19.71
CA HIS B 36 0.94 -11.09 18.77
C HIS B 36 0.13 -9.94 19.35
N SER B 37 -0.42 -9.12 18.46
CA SER B 37 -1.31 -8.03 18.86
C SER B 37 -2.23 -7.68 17.68
N MET B 38 -3.22 -6.82 17.95
CA MET B 38 -4.08 -6.33 16.87
C MET B 38 -3.26 -5.57 15.81
N ASN B 39 -3.52 -5.88 14.55
CA ASN B 39 -2.88 -5.18 13.45
C ASN B 39 -3.15 -3.68 13.68
N PRO B 40 -2.07 -2.85 13.60
CA PRO B 40 -2.28 -1.42 13.87
C PRO B 40 -3.32 -0.69 13.00
N PHE B 41 -3.48 -1.11 11.75
CA PHE B 41 -4.45 -0.47 10.86
C PHE B 41 -5.88 -0.83 11.25
N CYS B 42 -6.05 -2.05 11.76
CA CYS B 42 -7.32 -2.55 12.32
C CYS B 42 -7.74 -1.74 13.54
N GLU B 43 -6.76 -1.45 14.40
CA GLU B 43 -6.96 -0.63 15.58
C GLU B 43 -7.51 0.73 15.20
N ILE B 44 -6.93 1.33 14.17
CA ILE B 44 -7.43 2.59 13.68
C ILE B 44 -8.89 2.46 13.18
N ALA B 45 -9.19 1.35 12.48
CA ALA B 45 -10.59 1.08 12.04
C ALA B 45 -11.58 0.93 13.21
N VAL B 46 -11.16 0.25 14.27
CA VAL B 46 -12.02 0.15 15.48
C VAL B 46 -12.25 1.51 16.12
N GLU B 47 -11.19 2.28 16.32
CA GLU B 47 -11.30 3.62 16.89
C GLU B 47 -12.25 4.51 16.10
N GLU B 48 -12.18 4.47 14.77
CA GLU B 48 -13.09 5.26 13.94
C GLU B 48 -14.54 4.82 14.11
N ALA B 49 -14.76 3.51 14.21
CA ALA B 49 -16.13 2.96 14.36
C ALA B 49 -16.72 3.46 15.69
N VAL B 50 -15.88 3.49 16.70
CA VAL B 50 -16.29 3.88 18.02
C VAL B 50 -16.55 5.39 18.07
N ARG B 51 -15.69 6.18 17.41
CA ARG B 51 -15.91 7.62 17.31
C ARG B 51 -17.24 7.92 16.60
N LEU B 52 -17.61 7.09 15.63
CA LEU B 52 -18.89 7.22 14.94
C LEU B 52 -20.09 6.96 15.85
N LYS B 53 -19.99 5.93 16.68
CA LYS B 53 -20.95 5.72 17.75
C LYS B 53 -21.03 6.91 18.72
N GLU B 54 -19.88 7.46 19.11
CA GLU B 54 -19.87 8.55 20.09
C GLU B 54 -20.53 9.84 19.55
N LYS B 55 -20.36 10.06 18.25
CA LYS B 55 -21.08 11.09 17.50
C LYS B 55 -22.55 10.75 17.32
N LYS B 56 -22.98 9.64 17.92
CA LYS B 56 -24.36 9.17 17.88
C LYS B 56 -24.90 8.97 16.45
N LEU B 57 -24.01 8.57 15.56
CA LEU B 57 -24.38 8.38 14.16
C LEU B 57 -24.43 6.90 13.84
N VAL B 58 -23.88 6.11 14.76
CA VAL B 58 -23.83 4.67 14.65
C VAL B 58 -24.44 4.05 15.90
N LYS B 59 -25.32 3.08 15.68
CA LYS B 59 -26.05 2.43 16.73
C LYS B 59 -25.27 1.25 17.30
N GLU B 60 -24.62 0.47 16.41
CA GLU B 60 -24.02 -0.80 16.79
C GLU B 60 -22.71 -1.05 16.04
N VAL B 61 -21.68 -1.47 16.77
CA VAL B 61 -20.38 -1.78 16.17
C VAL B 61 -20.08 -3.26 16.40
N ILE B 62 -19.95 -4.01 15.31
CA ILE B 62 -19.65 -5.44 15.41
C ILE B 62 -18.24 -5.71 14.94
N ALA B 63 -17.41 -6.23 15.85
CA ALA B 63 -16.05 -6.60 15.54
C ALA B 63 -15.94 -8.05 15.11
N VAL B 64 -15.23 -8.28 14.01
CA VAL B 64 -15.02 -9.61 13.49
C VAL B 64 -13.53 -9.92 13.23
N SER B 65 -13.09 -11.12 13.64
CA SER B 65 -11.76 -11.65 13.28
C SER B 65 -11.90 -13.05 12.69
N CYS B 66 -11.12 -13.34 11.63
CA CYS B 66 -11.10 -14.67 11.02
C CYS B 66 -9.79 -15.36 11.32
N GLY B 67 -9.88 -16.58 11.86
CA GLY B 67 -8.71 -17.42 12.14
C GLY B 67 -8.84 -18.25 13.40
N PRO B 68 -7.71 -18.69 14.00
CA PRO B 68 -7.67 -19.63 15.13
C PRO B 68 -8.19 -19.09 16.47
N ALA B 69 -8.21 -19.96 17.48
CA ALA B 69 -8.72 -19.58 18.80
C ALA B 69 -8.24 -18.23 19.32
N GLN B 70 -6.95 -17.94 19.21
CA GLN B 70 -6.36 -16.71 19.80
C GLN B 70 -6.91 -15.37 19.25
N CYS B 71 -7.64 -15.44 18.13
CA CYS B 71 -8.35 -14.27 17.57
C CYS B 71 -9.33 -13.66 18.54
N GLN B 72 -9.91 -14.50 19.40
CA GLN B 72 -10.80 -14.06 20.47
C GLN B 72 -10.22 -12.95 21.32
N GLU B 73 -8.90 -13.01 21.59
CA GLU B 73 -8.23 -11.93 22.31
C GLU B 73 -8.27 -10.62 21.53
N THR B 74 -8.09 -10.70 20.22
CA THR B 74 -8.10 -9.57 19.32
C THR B 74 -9.49 -8.95 19.30
N ILE B 75 -10.50 -9.82 19.29
CA ILE B 75 -11.89 -9.39 19.39
C ILE B 75 -12.14 -8.78 20.76
N ARG B 76 -11.65 -9.43 21.82
CA ARG B 76 -11.81 -8.87 23.18
C ARG B 76 -11.22 -7.45 23.29
N THR B 77 -10.06 -7.23 22.68
CA THR B 77 -9.44 -5.90 22.57
C THR B 77 -10.35 -4.86 21.89
N ALA B 78 -10.86 -5.19 20.70
CA ALA B 78 -11.83 -4.33 20.03
C ALA B 78 -13.02 -4.01 20.92
N LEU B 79 -13.53 -5.02 21.63
CA LEU B 79 -14.69 -4.83 22.53
C LEU B 79 -14.36 -3.85 23.66
N ALA B 80 -13.14 -3.95 24.17
CA ALA B 80 -12.62 -3.05 25.19
C ALA B 80 -12.49 -1.61 24.67
N MET B 81 -12.17 -1.46 23.39
CA MET B 81 -12.01 -0.15 22.77
C MET B 81 -13.36 0.52 22.52
N GLY B 82 -14.43 -0.27 22.60
CA GLY B 82 -15.77 0.27 22.51
C GLY B 82 -16.68 -0.42 21.50
N ALA B 83 -16.23 -1.51 20.88
CA ALA B 83 -17.12 -2.31 20.02
C ALA B 83 -18.17 -2.98 20.91
N ASP B 84 -19.33 -3.25 20.31
CA ASP B 84 -20.50 -3.70 21.04
C ASP B 84 -20.56 -5.19 21.24
N ARG B 85 -20.26 -5.92 20.17
CA ARG B 85 -20.25 -7.38 20.21
C ARG B 85 -19.30 -7.90 19.14
N GLY B 86 -18.93 -9.17 19.26
CA GLY B 86 -17.93 -9.78 18.39
C GLY B 86 -18.41 -11.00 17.63
N ILE B 87 -17.78 -11.25 16.49
CA ILE B 87 -17.97 -12.49 15.80
C ILE B 87 -16.56 -13.00 15.51
N HIS B 88 -16.32 -14.25 15.91
CA HIS B 88 -15.10 -14.98 15.57
C HIS B 88 -15.45 -16.02 14.51
N VAL B 89 -14.93 -15.81 13.30
CA VAL B 89 -15.07 -16.79 12.25
C VAL B 89 -13.87 -17.76 12.39
N GLU B 90 -14.14 -18.90 13.00
CA GLU B 90 -13.11 -19.83 13.44
C GLU B 90 -12.60 -20.70 12.32
N VAL B 91 -11.28 -20.77 12.24
CA VAL B 91 -10.57 -21.55 11.24
C VAL B 91 -9.47 -22.30 12.02
N PRO B 92 -9.29 -23.60 11.74
CA PRO B 92 -8.17 -24.31 12.39
C PRO B 92 -6.80 -23.75 12.01
N PRO B 93 -5.79 -23.86 12.92
CA PRO B 93 -4.45 -23.27 12.66
C PRO B 93 -3.89 -23.62 11.27
N ALA B 94 -4.00 -24.89 10.89
CA ALA B 94 -3.45 -25.36 9.60
C ALA B 94 -4.07 -24.63 8.41
N GLU B 95 -5.38 -24.36 8.49
CA GLU B 95 -6.09 -23.75 7.39
C GLU B 95 -6.03 -22.22 7.49
N ALA B 96 -5.68 -21.71 8.67
CA ALA B 96 -5.51 -20.27 8.90
C ALA B 96 -4.29 -19.75 8.14
N GLU B 97 -3.31 -20.64 7.95
CA GLU B 97 -2.10 -20.35 7.20
C GLU B 97 -2.40 -20.17 5.70
N ARG B 98 -3.41 -20.88 5.20
CA ARG B 98 -3.84 -20.78 3.80
C ARG B 98 -4.89 -19.66 3.60
N LEU B 99 -5.24 -18.99 4.69
CA LEU B 99 -6.26 -17.95 4.68
C LEU B 99 -5.74 -16.60 4.15
N GLY B 100 -6.33 -16.13 3.06
CA GLY B 100 -5.93 -14.85 2.49
C GLY B 100 -7.05 -13.84 2.34
N PRO B 101 -6.72 -12.63 1.85
CA PRO B 101 -7.75 -11.62 1.52
C PRO B 101 -8.98 -12.15 0.77
N LEU B 102 -8.79 -12.95 -0.26
CA LEU B 102 -9.92 -13.52 -1.01
C LEU B 102 -10.92 -14.18 -0.07
N GLN B 103 -10.41 -15.04 0.82
CA GLN B 103 -11.26 -15.79 1.76
C GLN B 103 -11.90 -14.86 2.77
N VAL B 104 -11.10 -13.96 3.36
CA VAL B 104 -11.57 -13.01 4.35
C VAL B 104 -12.65 -12.14 3.74
N ALA B 105 -12.41 -11.67 2.52
CA ALA B 105 -13.34 -10.77 1.84
C ALA B 105 -14.70 -11.45 1.58
N ARG B 106 -14.66 -12.74 1.26
CA ARG B 106 -15.88 -13.52 1.06
C ARG B 106 -16.65 -13.64 2.38
N VAL B 107 -15.94 -13.96 3.46
CA VAL B 107 -16.58 -14.00 4.76
C VAL B 107 -17.19 -12.64 5.12
N LEU B 108 -16.42 -11.57 4.96
CA LEU B 108 -16.91 -10.25 5.36
C LEU B 108 -18.15 -9.84 4.57
N ALA B 109 -18.16 -10.17 3.28
CA ALA B 109 -19.26 -9.80 2.41
C ALA B 109 -20.56 -10.51 2.84
N LYS B 110 -20.41 -11.78 3.23
CA LYS B 110 -21.52 -12.59 3.72
C LYS B 110 -22.07 -12.05 5.04
N LEU B 111 -21.17 -11.77 5.99
CA LEU B 111 -21.55 -11.12 7.23
C LEU B 111 -22.16 -9.72 7.04
N ALA B 112 -21.57 -8.92 6.15
CA ALA B 112 -22.12 -7.61 5.85
C ALA B 112 -23.63 -7.71 5.46
N GLU B 113 -23.93 -8.64 4.56
CA GLU B 113 -25.31 -8.92 4.14
C GLU B 113 -26.13 -9.56 5.26
N LYS B 114 -25.57 -10.58 5.91
CA LYS B 114 -26.28 -11.25 7.01
C LYS B 114 -26.69 -10.32 8.15
N GLU B 115 -25.80 -9.41 8.53
CA GLU B 115 -26.01 -8.66 9.75
C GLU B 115 -26.53 -7.28 9.43
N LYS B 116 -26.88 -7.07 8.16
CA LYS B 116 -27.49 -5.83 7.68
C LYS B 116 -26.67 -4.60 8.08
N VAL B 117 -25.40 -4.57 7.68
CA VAL B 117 -24.54 -3.46 8.06
C VAL B 117 -24.54 -2.40 6.98
N ASP B 118 -24.31 -1.14 7.37
CA ASP B 118 -24.29 -0.01 6.44
C ASP B 118 -22.88 0.41 6.00
N LEU B 119 -21.90 0.01 6.78
CA LEU B 119 -20.52 0.38 6.57
C LEU B 119 -19.63 -0.76 7.09
N VAL B 120 -18.72 -1.23 6.24
CA VAL B 120 -17.64 -2.11 6.68
C VAL B 120 -16.33 -1.33 6.80
N LEU B 121 -15.76 -1.34 8.00
CA LEU B 121 -14.50 -0.69 8.23
C LEU B 121 -13.37 -1.71 8.34
N LEU B 122 -12.27 -1.45 7.64
CA LEU B 122 -11.06 -2.31 7.79
C LEU B 122 -9.80 -1.45 7.88
N GLY B 123 -8.68 -2.06 8.26
CA GLY B 123 -7.41 -1.35 8.09
C GLY B 123 -7.05 -1.40 6.63
N LYS B 124 -6.24 -0.45 6.17
CA LYS B 124 -5.88 -0.48 4.75
C LYS B 124 -4.94 -1.65 4.42
N GLN B 125 -4.20 -2.13 5.43
CA GLN B 125 -3.37 -3.33 5.26
C GLN B 125 -2.92 -4.00 6.57
N ALA B 126 -2.57 -5.28 6.45
CA ALA B 126 -2.07 -6.08 7.57
C ALA B 126 -0.56 -6.06 7.47
N ILE B 127 0.12 -5.89 8.61
CA ILE B 127 1.54 -5.65 8.61
C ILE B 127 2.35 -6.92 8.40
N ASP B 128 1.65 -8.07 8.39
CA ASP B 128 2.29 -9.33 8.09
C ASP B 128 2.25 -9.66 6.59
N ASP B 129 1.05 -9.92 6.04
CA ASP B 129 0.98 -10.20 4.59
C ASP B 129 1.13 -8.96 3.71
N ASP B 130 0.93 -7.76 4.28
CA ASP B 130 1.15 -6.50 3.56
C ASP B 130 0.37 -6.47 2.25
N CYS B 131 -0.81 -7.11 2.26
CA CYS B 131 -1.56 -7.29 1.02
C CYS B 131 -2.24 -6.01 0.55
N ASN B 132 -2.92 -5.31 1.46
CA ASN B 132 -3.73 -4.16 1.08
C ASN B 132 -4.72 -4.61 -0.02
N GLN B 133 -5.59 -5.56 0.32
CA GLN B 133 -6.52 -6.16 -0.66
C GLN B 133 -7.93 -6.34 -0.12
N THR B 134 -8.04 -6.72 1.15
CA THR B 134 -9.31 -7.20 1.74
C THR B 134 -10.47 -6.22 1.59
N GLY B 135 -10.26 -4.95 1.96
CA GLY B 135 -11.34 -3.96 1.89
C GLY B 135 -11.92 -3.83 0.48
N GLN B 136 -11.00 -3.65 -0.49
CA GLN B 136 -11.28 -3.56 -1.93
C GLN B 136 -12.03 -4.79 -2.46
N MET B 137 -11.57 -5.98 -2.08
CA MET B 137 -12.22 -7.21 -2.47
C MET B 137 -13.62 -7.35 -1.84
N THR B 138 -13.76 -6.97 -0.56
CA THR B 138 -15.03 -7.01 0.16
C THR B 138 -16.04 -6.14 -0.55
N ALA B 139 -15.67 -4.89 -0.77
CA ALA B 139 -16.44 -3.95 -1.61
C ALA B 139 -16.86 -4.55 -2.97
N GLY B 140 -15.89 -5.17 -3.66
CA GLY B 140 -16.11 -5.83 -4.95
C GLY B 140 -17.16 -6.95 -4.92
N PHE B 141 -17.10 -7.82 -3.92
CA PHE B 141 -18.09 -8.88 -3.77
C PHE B 141 -19.49 -8.34 -3.45
N LEU B 142 -19.53 -7.26 -2.67
CA LEU B 142 -20.79 -6.66 -2.26
C LEU B 142 -21.40 -5.73 -3.32
N ASP B 143 -20.60 -5.36 -4.30
CA ASP B 143 -20.91 -4.26 -5.22
C ASP B 143 -21.16 -2.95 -4.49
N TRP B 144 -20.32 -2.67 -3.48
CA TRP B 144 -20.41 -1.42 -2.74
C TRP B 144 -19.28 -0.48 -3.13
N PRO B 145 -19.47 0.84 -2.96
CA PRO B 145 -18.34 1.72 -3.18
C PRO B 145 -17.28 1.55 -2.10
N GLN B 146 -16.04 1.84 -2.48
CA GLN B 146 -14.92 1.77 -1.56
C GLN B 146 -14.25 3.16 -1.38
N GLY B 147 -13.87 3.44 -0.13
CA GLY B 147 -13.09 4.64 0.19
C GLY B 147 -11.87 4.13 0.93
N THR B 148 -10.82 3.87 0.16
CA THR B 148 -9.60 3.26 0.69
C THR B 148 -8.58 4.29 1.18
N PHE B 149 -7.73 3.89 2.12
CA PHE B 149 -6.65 4.74 2.63
C PHE B 149 -7.22 6.02 3.23
N ALA B 150 -8.33 5.93 3.95
CA ALA B 150 -9.02 7.08 4.53
C ALA B 150 -8.19 7.76 5.63
N SER B 151 -8.16 9.10 5.61
CA SER B 151 -7.55 9.91 6.67
C SER B 151 -8.62 10.78 7.34
N GLN B 152 -9.78 10.88 6.71
CA GLN B 152 -10.97 11.51 7.32
C GLN B 152 -12.25 10.86 6.79
N VAL B 153 -13.20 10.66 7.70
CA VAL B 153 -14.51 10.12 7.36
C VAL B 153 -15.59 11.05 7.92
N THR B 154 -16.58 11.38 7.10
CA THR B 154 -17.73 12.21 7.49
C THR B 154 -19.03 11.60 6.93
N LEU B 155 -19.92 11.19 7.83
CA LEU B 155 -21.24 10.68 7.48
C LEU B 155 -22.17 11.84 7.14
N GLU B 156 -22.76 11.80 5.94
CA GLU B 156 -23.56 12.90 5.41
C GLU B 156 -24.96 12.40 5.06
N GLY B 157 -25.73 12.04 6.08
CA GLY B 157 -27.03 11.41 5.88
C GLY B 157 -26.91 9.96 5.43
N ASP B 158 -27.26 9.70 4.18
CA ASP B 158 -27.14 8.36 3.57
C ASP B 158 -25.89 8.27 2.68
N LYS B 159 -24.93 9.15 2.94
CA LYS B 159 -23.73 9.28 2.13
C LYS B 159 -22.50 9.44 3.02
N LEU B 160 -21.35 9.05 2.49
CA LEU B 160 -20.08 9.16 3.19
C LEU B 160 -19.14 10.05 2.40
N LYS B 161 -18.57 11.05 3.06
CA LYS B 161 -17.51 11.84 2.48
C LYS B 161 -16.18 11.36 3.10
N VAL B 162 -15.27 10.93 2.22
CA VAL B 162 -14.00 10.31 2.63
C VAL B 162 -12.83 11.06 2.01
N GLU B 163 -11.90 11.53 2.84
CA GLU B 163 -10.63 12.07 2.36
C GLU B 163 -9.64 10.90 2.37
N ARG B 164 -8.96 10.69 1.24
CA ARG B 164 -8.09 9.52 1.06
C ARG B 164 -6.68 9.97 0.80
N ALA B 165 -5.69 9.19 1.24
CA ALA B 165 -4.28 9.44 0.87
C ALA B 165 -3.98 8.84 -0.51
N ILE B 166 -3.46 9.68 -1.38
CA ILE B 166 -3.10 9.27 -2.74
C ILE B 166 -1.64 9.70 -2.93
N ASP B 167 -1.02 9.33 -4.05
CA ASP B 167 0.40 9.60 -4.21
C ASP B 167 0.74 11.10 -4.23
N GLY B 168 -0.11 11.90 -4.82
CA GLY B 168 0.23 13.34 -4.89
C GLY B 168 -0.18 14.22 -3.73
N GLY B 169 -0.84 13.63 -2.72
CA GLY B 169 -1.52 14.39 -1.67
C GLY B 169 -2.76 13.67 -1.20
N LEU B 170 -3.90 14.37 -1.24
CA LEU B 170 -5.21 13.84 -0.81
C LEU B 170 -6.24 14.01 -1.91
N GLU B 171 -7.29 13.22 -1.84
CA GLU B 171 -8.50 13.50 -2.62
C GLU B 171 -9.75 13.20 -1.78
N THR B 172 -10.87 13.78 -2.17
CA THR B 172 -12.14 13.62 -1.46
C THR B 172 -13.16 13.01 -2.41
N LEU B 173 -13.84 11.98 -1.91
CA LEU B 173 -14.93 11.32 -2.61
C LEU B 173 -16.20 11.35 -1.76
N ARG B 174 -17.33 11.16 -2.42
CA ARG B 174 -18.59 10.90 -1.74
C ARG B 174 -19.12 9.53 -2.18
N LEU B 175 -19.34 8.66 -1.21
CA LEU B 175 -19.84 7.33 -1.47
C LEU B 175 -21.28 7.22 -0.99
N LYS B 176 -22.10 6.56 -1.82
CA LYS B 176 -23.46 6.21 -1.43
C LYS B 176 -23.41 5.02 -0.44
N LEU B 177 -24.09 5.12 0.70
CA LEU B 177 -24.16 3.98 1.62
C LEU B 177 -25.07 2.88 1.03
N PRO B 178 -24.78 1.57 1.28
CA PRO B 178 -23.75 0.99 2.12
C PRO B 178 -22.39 1.01 1.43
N ALA B 179 -21.33 1.13 2.22
CA ALA B 179 -19.98 1.39 1.75
C ALA B 179 -18.95 0.62 2.59
N VAL B 180 -17.75 0.50 2.00
CA VAL B 180 -16.58 -0.08 2.66
C VAL B 180 -15.52 1.01 2.74
N VAL B 181 -14.83 1.09 3.87
CA VAL B 181 -13.79 2.09 4.08
C VAL B 181 -12.62 1.38 4.73
N THR B 182 -11.42 1.65 4.24
CA THR B 182 -10.20 1.13 4.87
C THR B 182 -9.36 2.29 5.39
N ALA B 183 -8.81 2.12 6.59
CA ALA B 183 -8.22 3.22 7.38
C ALA B 183 -6.74 3.34 7.18
N ASP B 184 -6.31 4.55 6.85
CA ASP B 184 -4.89 4.90 6.80
C ASP B 184 -4.46 5.21 8.24
N LEU B 185 -3.15 5.20 8.54
CA LEU B 185 -2.62 5.55 9.88
C LEU B 185 -2.92 6.98 10.32
N ARG B 186 -3.10 7.87 9.36
CA ARG B 186 -3.45 9.24 9.69
C ARG B 186 -4.88 9.42 10.18
N LEU B 187 -5.72 8.39 10.03
CA LEU B 187 -7.16 8.55 10.27
C LEU B 187 -7.44 9.10 11.67
N ASN B 188 -6.89 8.44 12.69
CA ASN B 188 -7.09 8.79 14.09
C ASN B 188 -6.00 8.20 14.97
N GLU B 189 -6.06 8.55 16.25
CA GLU B 189 -5.15 8.01 17.25
C GLU B 189 -5.96 7.12 18.19
N PRO B 190 -5.81 5.79 18.04
CA PRO B 190 -6.58 4.86 18.87
C PRO B 190 -6.40 5.12 20.35
N ARG B 191 -7.48 4.93 21.10
CA ARG B 191 -7.49 5.12 22.53
C ARG B 191 -6.79 3.96 23.26
N TYR B 192 -6.33 4.24 24.47
CA TYR B 192 -5.90 3.19 25.39
C TYR B 192 -7.14 2.59 26.09
N ALA B 193 -7.19 1.26 26.12
CA ALA B 193 -8.27 0.53 26.79
C ALA B 193 -7.91 0.35 28.25
N THR B 194 -8.62 1.11 29.09
CA THR B 194 -8.47 1.07 30.55
C THR B 194 -9.00 -0.24 31.13
N LEU B 195 -8.50 -0.60 32.32
CA LEU B 195 -8.96 -1.80 33.03
C LEU B 195 -10.48 -1.89 33.30
N PRO B 196 -11.14 -0.77 33.70
CA PRO B 196 -12.62 -0.79 33.73
C PRO B 196 -13.22 -1.26 32.41
N ASN B 197 -12.80 -0.63 31.31
CA ASN B 197 -13.26 -0.98 29.96
C ASN B 197 -13.00 -2.44 29.56
N ILE B 198 -11.83 -2.94 29.96
CA ILE B 198 -11.45 -4.34 29.73
C ILE B 198 -12.32 -5.33 30.54
N MET B 199 -12.63 -4.96 31.79
CA MET B 199 -13.47 -5.82 32.63
C MET B 199 -14.89 -5.82 32.09
N LYS B 200 -15.37 -4.62 31.72
CA LYS B 200 -16.64 -4.49 30.99
C LYS B 200 -16.68 -5.42 29.76
N ALA B 201 -15.69 -5.31 28.87
CA ALA B 201 -15.64 -6.12 27.65
C ALA B 201 -15.78 -7.64 27.87
N LYS B 202 -15.53 -8.08 29.09
CA LYS B 202 -15.70 -9.50 29.46
C LYS B 202 -17.19 -9.87 29.53
N LYS B 203 -18.04 -8.88 29.76
CA LYS B 203 -19.48 -9.11 29.71
C LYS B 203 -19.99 -9.22 28.28
N LYS B 204 -19.35 -8.51 27.35
CA LYS B 204 -19.79 -8.46 25.95
C LYS B 204 -19.71 -9.82 25.24
N LYS B 205 -20.59 -10.03 24.26
CA LYS B 205 -20.71 -11.33 23.60
C LYS B 205 -19.82 -11.51 22.35
N ILE B 206 -19.25 -12.71 22.23
CA ILE B 206 -18.63 -13.14 20.98
C ILE B 206 -19.34 -14.36 20.42
N GLU B 207 -19.83 -14.24 19.19
CA GLU B 207 -20.37 -15.40 18.47
C GLU B 207 -19.29 -16.11 17.66
N VAL B 208 -19.25 -17.43 17.77
CA VAL B 208 -18.35 -18.27 16.98
C VAL B 208 -19.12 -18.91 15.82
N ILE B 209 -18.60 -18.72 14.61
CA ILE B 209 -19.15 -19.34 13.40
C ILE B 209 -18.00 -19.90 12.55
N LYS B 210 -18.34 -20.72 11.55
CA LYS B 210 -17.35 -21.33 10.66
C LYS B 210 -17.60 -20.78 9.30
N PRO B 211 -16.55 -20.65 8.47
CA PRO B 211 -16.81 -20.09 7.14
C PRO B 211 -17.84 -20.90 6.37
N GLY B 212 -17.81 -22.23 6.55
CA GLY B 212 -18.81 -23.13 5.97
C GLY B 212 -20.23 -22.77 6.37
N ASP B 213 -20.41 -22.28 7.60
CA ASP B 213 -21.71 -21.80 8.05
C ASP B 213 -22.22 -20.62 7.23
N LEU B 214 -21.29 -19.89 6.60
CA LEU B 214 -21.67 -18.73 5.79
C LEU B 214 -21.74 -19.08 4.31
N GLY B 215 -21.56 -20.36 3.98
CA GLY B 215 -21.45 -20.80 2.59
C GLY B 215 -20.15 -20.33 1.94
N VAL B 216 -19.11 -20.13 2.75
CA VAL B 216 -17.79 -19.74 2.20
C VAL B 216 -16.87 -20.96 2.13
N ASP B 217 -16.39 -21.24 0.93
CA ASP B 217 -15.43 -22.31 0.67
C ASP B 217 -14.00 -21.74 0.71
N LEU B 218 -13.13 -22.38 1.48
CA LEU B 218 -11.74 -21.93 1.69
C LEU B 218 -10.72 -22.42 0.67
N THR B 219 -11.19 -23.09 -0.38
CA THR B 219 -10.28 -23.64 -1.39
C THR B 219 -9.49 -22.47 -2.00
N SER B 220 -8.20 -22.69 -2.28
CA SER B 220 -7.30 -21.65 -2.72
C SER B 220 -6.47 -22.07 -3.96
N LYS B 221 -6.35 -21.19 -4.95
CA LYS B 221 -5.46 -21.41 -6.11
C LYS B 221 -4.15 -20.61 -6.00
N LEU B 222 -3.90 -20.09 -4.80
CA LEU B 222 -2.61 -19.47 -4.45
C LEU B 222 -1.92 -20.39 -3.50
N SER B 223 -0.60 -20.31 -3.46
CA SER B 223 0.18 -21.29 -2.76
C SER B 223 1.55 -20.70 -2.51
N VAL B 224 1.99 -20.72 -1.25
CA VAL B 224 3.35 -20.30 -0.89
C VAL B 224 4.33 -21.40 -1.30
N ILE B 225 5.19 -21.07 -2.26
CA ILE B 225 6.28 -21.96 -2.66
C ILE B 225 7.32 -21.94 -1.55
N SER B 226 7.69 -20.73 -1.11
CA SER B 226 8.72 -20.55 -0.09
C SER B 226 8.73 -19.14 0.48
N VAL B 227 9.38 -19.04 1.64
CA VAL B 227 9.55 -17.81 2.38
C VAL B 227 10.98 -17.85 2.82
N GLU B 228 11.71 -16.75 2.53
CA GLU B 228 13.13 -16.64 2.83
C GLU B 228 13.51 -15.26 3.34
N ASP B 229 14.63 -15.19 4.06
CA ASP B 229 15.29 -13.94 4.38
C ASP B 229 15.69 -13.20 3.12
N PRO B 230 15.54 -11.86 3.13
CA PRO B 230 16.08 -11.05 2.05
C PRO B 230 17.61 -10.94 2.19
N PRO B 231 18.31 -10.42 1.15
CA PRO B 231 19.78 -10.33 1.22
C PRO B 231 20.22 -9.61 2.48
N GLN B 232 21.37 -9.97 3.02
CA GLN B 232 21.82 -9.31 4.22
C GLN B 232 22.61 -8.05 3.87
N ARG B 233 22.44 -7.02 4.71
CA ARG B 233 23.04 -5.70 4.51
C ARG B 233 23.40 -5.17 5.90
N THR B 234 24.69 -4.96 6.15
CA THR B 234 25.17 -4.59 7.49
C THR B 234 25.88 -3.24 7.42
N ALA B 235 26.42 -2.82 8.56
CA ALA B 235 27.04 -1.51 8.70
C ALA B 235 28.13 -1.27 7.68
N GLY B 236 28.05 -0.10 7.03
CA GLY B 236 29.10 0.39 6.17
C GLY B 236 30.13 1.14 6.97
N VAL B 237 30.57 2.27 6.42
CA VAL B 237 31.72 2.98 6.95
C VAL B 237 31.35 4.29 7.68
N LYS B 238 32.16 4.69 8.65
CA LYS B 238 32.00 5.98 9.28
C LYS B 238 32.98 6.99 8.69
N VAL B 239 32.49 8.23 8.51
CA VAL B 239 33.34 9.32 8.03
C VAL B 239 33.47 10.38 9.12
N GLU B 240 34.60 11.09 9.14
CA GLU B 240 34.86 12.01 10.27
C GLU B 240 34.25 13.37 10.02
N THR B 241 34.24 13.81 8.77
CA THR B 241 33.81 15.17 8.46
C THR B 241 32.85 15.18 7.27
N THR B 242 32.09 16.26 7.18
CA THR B 242 31.15 16.46 6.09
C THR B 242 31.89 16.53 4.74
N GLU B 243 33.06 17.19 4.75
CA GLU B 243 33.93 17.25 3.57
C GLU B 243 34.31 15.87 3.07
N ASP B 244 34.67 14.99 3.99
CA ASP B 244 35.00 13.62 3.64
C ASP B 244 33.77 12.88 3.09
N LEU B 245 32.61 13.13 3.67
CA LEU B 245 31.40 12.47 3.20
C LEU B 245 31.10 12.89 1.77
N VAL B 246 31.22 14.18 1.49
CA VAL B 246 30.97 14.70 0.16
C VAL B 246 32.01 14.18 -0.82
N ALA B 247 33.28 14.16 -0.40
CA ALA B 247 34.36 13.59 -1.20
C ALA B 247 34.08 12.15 -1.63
N LYS B 248 33.74 11.28 -0.67
CA LYS B 248 33.42 9.88 -0.95
C LYS B 248 32.27 9.72 -1.93
N LEU B 249 31.19 10.47 -1.72
CA LEU B 249 30.01 10.36 -2.59
C LEU B 249 30.30 10.82 -4.04
N LYS B 250 31.13 11.85 -4.15
CA LYS B 250 31.60 12.29 -5.46
C LYS B 250 32.45 11.25 -6.17
N GLU B 251 33.43 10.67 -5.46
CA GLU B 251 34.31 9.68 -6.09
C GLU B 251 33.63 8.36 -6.49
N ILE B 252 32.57 7.96 -5.80
CA ILE B 252 31.80 6.80 -6.29
C ILE B 252 30.74 7.17 -7.32
N GLY B 253 30.63 8.46 -7.62
CA GLY B 253 29.68 8.94 -8.62
C GLY B 253 28.22 8.93 -8.23
N ARG B 254 27.94 9.23 -6.95
CA ARG B 254 26.54 9.40 -6.49
C ARG B 254 26.19 10.88 -6.30
N ILE B 255 27.21 11.75 -6.29
CA ILE B 255 27.09 13.21 -6.36
C ILE B 255 27.89 13.70 -7.57
PA FAD C . 12.88 8.59 16.12
O1A FAD C . 12.80 7.09 16.19
O2A FAD C . 12.54 9.28 17.41
O5B FAD C . 14.37 9.01 15.62
C5B FAD C . 14.85 10.32 15.73
C4B FAD C . 16.35 10.30 15.42
O4B FAD C . 16.84 11.63 15.33
C3B FAD C . 17.17 9.62 16.52
O3B FAD C . 17.87 8.49 16.00
C2B FAD C . 18.14 10.70 16.97
O2B FAD C . 19.40 10.15 17.26
C1B FAD C . 18.16 11.66 15.81
N9A FAD C . 18.51 13.06 16.18
C8A FAD C . 17.87 13.87 17.11
N7A FAD C . 18.50 15.05 17.10
C5A FAD C . 19.51 15.04 16.20
C6A FAD C . 20.47 16.00 15.83
N6A FAD C . 20.53 17.25 16.33
N1A FAD C . 21.36 15.64 14.85
C2A FAD C . 21.33 14.37 14.28
N3A FAD C . 20.39 13.44 14.65
C4A FAD C . 19.51 13.78 15.62
N1 FAD C . 7.64 5.28 10.10
C2 FAD C . 8.13 5.75 8.90
O2 FAD C . 9.07 6.52 8.93
N3 FAD C . 7.56 5.34 7.70
C4 FAD C . 6.49 4.47 7.71
O4 FAD C . 5.87 4.20 6.67
C4X FAD C . 5.99 4.01 8.93
N5 FAD C . 4.92 3.11 8.96
C5X FAD C . 4.45 2.66 10.17
C6 FAD C . 3.38 1.77 10.22
C7 FAD C . 2.88 1.29 11.42
C7M FAD C . 1.69 0.35 11.33
C8 FAD C . 3.45 1.70 12.65
C8M FAD C . 3.02 1.16 14.00
C9 FAD C . 4.54 2.60 12.60
C9A FAD C . 5.03 3.08 11.38
N10 FAD C . 6.10 3.97 11.33
C10 FAD C . 6.58 4.42 10.11
C1' FAD C . 6.62 4.59 12.60
C2' FAD C . 7.97 3.97 12.94
O2' FAD C . 7.75 2.80 13.69
C3' FAD C . 8.81 4.95 13.75
O3' FAD C . 8.10 5.36 14.88
C4' FAD C . 9.25 6.18 12.92
O4' FAD C . 9.79 5.69 11.71
C5' FAD C . 10.30 6.94 13.72
O5' FAD C . 10.64 8.15 13.07
P FAD C . 12.02 8.87 13.43
O1P FAD C . 13.17 7.97 13.02
O2P FAD C . 12.03 10.20 12.72
O3P FAD C . 11.87 9.10 15.00
P AMP D . -4.77 -7.25 4.04
O1P AMP D . -5.67 -7.08 2.81
O2P AMP D . -4.31 -8.66 4.40
O3P AMP D . -3.62 -6.29 4.02
O5' AMP D . -5.70 -6.84 5.28
C5' AMP D . -6.28 -5.52 5.29
C4' AMP D . -7.39 -5.39 6.32
O4' AMP D . -8.35 -6.42 6.10
C3' AMP D . -6.95 -5.61 7.77
O3' AMP D . -6.54 -4.41 8.44
C2' AMP D . -8.19 -6.20 8.40
O2' AMP D . -9.08 -5.14 8.82
C1' AMP D . -8.83 -7.00 7.30
N9 AMP D . -8.37 -8.39 7.46
C8 AMP D . -7.36 -9.02 6.83
N7 AMP D . -7.19 -10.29 7.27
C5 AMP D . -8.14 -10.50 8.22
C6 AMP D . -8.56 -11.60 9.12
N6 AMP D . -7.97 -12.81 9.11
N1 AMP D . -9.61 -11.39 9.94
C2 AMP D . -10.25 -10.20 10.00
N3 AMP D . -9.91 -9.15 9.23
C4 AMP D . -8.90 -9.25 8.34
#